data_1UE8
#
_entry.id   1UE8
#
_cell.length_a   53.554
_cell.length_b   55.130
_cell.length_c   130.818
_cell.angle_alpha   90.00
_cell.angle_beta   90.00
_cell.angle_gamma   90.00
#
_symmetry.space_group_name_H-M   'P 21 21 21'
#
loop_
_entity.id
_entity.type
_entity.pdbx_description
1 polymer '367aa long hypothetical cytochrome P450'
2 non-polymer 'CHLORIDE ION'
3 non-polymer 'PROTOPORPHYRIN IX CONTAINING FE'
4 water water
#
_entity_poly.entity_id   1
_entity_poly.type   'polypeptide(L)'
_entity_poly.pdbx_seq_one_letter_code
;MYDWFKQMRKESPVYYDGKVWNLFKYEDCKMVLNDHKRFSSNLTGYNDKLEMLRSGKVFFDIPTRYTMLTSDPPLHDELR
NLTADAFNPSNLPVDFVREVTVKLLSELDEEFDVIESFAIPLPILVISKMLGINPDVKKVKDWSDLVALRLGRADEIFSI
GRKYLELISFSKKELDSRKGKEIVDLTGKIANSNLSELEKEGYFILLMIAGNETTTNLIGNAIEDFTLYNSWDYVREKGA
LKAVEEALRFSPPVMRTIRVTKEKVKIRDQVIDEGELVRVWIASANRDEEVFKDPDSFIPDRTPNPHLSFGSGIHLCLGA
PLARLEARIALEEFAKKFRVKEIVKKEKIDNEVLNGYRKLVVRVERT
;
_entity_poly.pdbx_strand_id   A
#
loop_
_chem_comp.id
_chem_comp.type
_chem_comp.name
_chem_comp.formula
CL non-polymer 'CHLORIDE ION' 'Cl -1'
HEM non-polymer 'PROTOPORPHYRIN IX CONTAINING FE' 'C34 H32 Fe N4 O4'
#
# COMPACT_ATOMS: atom_id res chain seq x y z
N MET A 1 -0.63 -14.78 -13.81
CA MET A 1 0.20 -14.89 -12.57
C MET A 1 -0.38 -15.89 -11.58
N TYR A 2 -1.71 -15.99 -11.53
CA TYR A 2 -2.38 -16.89 -10.61
C TYR A 2 -2.26 -18.39 -10.94
N ASP A 3 -2.24 -18.74 -12.22
CA ASP A 3 -2.11 -20.15 -12.57
C ASP A 3 -0.75 -20.59 -12.03
N TRP A 4 0.26 -19.74 -12.24
CA TRP A 4 1.62 -20.02 -11.79
C TRP A 4 1.60 -20.36 -10.30
N PHE A 5 1.01 -19.46 -9.51
CA PHE A 5 0.92 -19.64 -8.06
C PHE A 5 0.26 -20.96 -7.71
N LYS A 6 -0.95 -21.17 -8.23
CA LYS A 6 -1.69 -22.40 -7.96
C LYS A 6 -0.76 -23.58 -8.20
N GLN A 7 0.04 -23.49 -9.27
CA GLN A 7 0.99 -24.53 -9.64
C GLN A 7 2.13 -24.61 -8.64
N MET A 8 2.66 -23.45 -8.27
CA MET A 8 3.76 -23.37 -7.32
C MET A 8 3.31 -23.77 -5.92
N ARG A 9 2.05 -23.48 -5.62
CA ARG A 9 1.49 -23.81 -4.31
C ARG A 9 1.54 -25.32 -4.16
N LYS A 10 1.31 -26.02 -5.25
CA LYS A 10 1.33 -27.48 -5.29
C LYS A 10 2.71 -28.09 -5.50
N GLU A 11 3.36 -27.72 -6.59
CA GLU A 11 4.68 -28.26 -6.92
C GLU A 11 5.85 -27.82 -6.05
N SER A 12 5.93 -26.52 -5.74
CA SER A 12 7.04 -26.01 -4.94
C SER A 12 6.78 -24.71 -4.20
N PRO A 13 6.26 -24.81 -2.95
CA PRO A 13 5.96 -23.65 -2.12
C PRO A 13 7.19 -22.76 -1.88
N VAL A 14 8.28 -23.39 -1.44
CA VAL A 14 9.52 -22.67 -1.21
C VAL A 14 10.41 -22.83 -2.45
N TYR A 15 10.30 -21.88 -3.38
CA TYR A 15 11.05 -21.91 -4.64
C TYR A 15 12.18 -20.89 -4.67
N TYR A 16 13.28 -21.28 -5.31
CA TYR A 16 14.43 -20.41 -5.45
C TYR A 16 14.61 -20.10 -6.94
N ASP A 17 14.47 -18.84 -7.30
CA ASP A 17 14.65 -18.42 -8.68
C ASP A 17 16.16 -18.30 -8.82
N GLY A 18 16.62 -17.30 -9.54
CA GLY A 18 18.05 -17.13 -9.68
C GLY A 18 18.77 -16.66 -8.42
N LYS A 19 18.16 -15.72 -7.68
CA LYS A 19 18.82 -15.18 -6.47
C LYS A 19 17.94 -14.89 -5.26
N VAL A 20 16.64 -15.04 -5.43
CA VAL A 20 15.71 -14.76 -4.35
C VAL A 20 14.83 -15.97 -4.08
N TRP A 21 14.44 -16.17 -2.83
CA TRP A 21 13.57 -17.27 -2.50
C TRP A 21 12.13 -16.82 -2.66
N ASN A 22 11.22 -17.77 -2.88
CA ASN A 22 9.82 -17.41 -3.06
C ASN A 22 8.88 -18.34 -2.30
N LEU A 23 7.90 -17.74 -1.61
CA LEU A 23 6.89 -18.47 -0.85
C LEU A 23 5.51 -18.18 -1.44
N PHE A 24 4.71 -19.23 -1.66
CA PHE A 24 3.38 -19.03 -2.24
C PHE A 24 2.29 -19.55 -1.30
N LYS A 25 2.72 -20.21 -0.24
CA LYS A 25 1.81 -20.77 0.75
C LYS A 25 1.48 -19.81 1.87
N TYR A 26 0.18 -19.62 2.11
CA TYR A 26 -0.33 -18.73 3.15
C TYR A 26 0.43 -18.99 4.47
N GLU A 27 0.34 -20.22 4.95
CA GLU A 27 0.99 -20.63 6.19
C GLU A 27 2.44 -20.15 6.22
N ASP A 28 3.23 -20.59 5.24
CA ASP A 28 4.63 -20.18 5.13
C ASP A 28 4.76 -18.66 5.15
N CYS A 29 3.94 -17.98 4.34
CA CYS A 29 3.95 -16.52 4.27
C CYS A 29 3.67 -15.84 5.63
N LYS A 30 2.47 -16.03 6.16
CA LYS A 30 2.07 -15.42 7.44
C LYS A 30 3.21 -15.57 8.46
N MET A 31 3.59 -16.83 8.73
CA MET A 31 4.65 -17.15 9.67
C MET A 31 5.88 -16.29 9.46
N VAL A 32 6.33 -16.22 8.21
CA VAL A 32 7.51 -15.44 7.88
C VAL A 32 7.29 -13.96 8.20
N LEU A 33 6.12 -13.44 7.84
CA LEU A 33 5.85 -12.03 8.09
C LEU A 33 5.81 -11.71 9.57
N ASN A 34 5.43 -12.68 10.39
CA ASN A 34 5.38 -12.41 11.82
C ASN A 34 6.69 -12.77 12.48
N ASP A 35 7.64 -13.25 11.70
CA ASP A 35 8.92 -13.61 12.27
C ASP A 35 9.93 -12.54 11.92
N HIS A 36 9.83 -11.39 12.60
CA HIS A 36 10.74 -10.29 12.36
C HIS A 36 12.06 -10.50 13.08
N LYS A 37 12.11 -11.51 13.95
CA LYS A 37 13.35 -11.79 14.65
C LYS A 37 14.33 -12.40 13.65
N ARG A 38 13.83 -13.31 12.81
CA ARG A 38 14.69 -13.95 11.83
C ARG A 38 14.53 -13.37 10.43
N PHE A 39 13.31 -13.11 10.02
CA PHE A 39 13.09 -12.52 8.72
C PHE A 39 13.00 -11.02 8.94
N SER A 40 14.11 -10.36 8.63
CA SER A 40 14.25 -8.92 8.81
C SER A 40 13.79 -8.09 7.64
N SER A 41 13.49 -6.83 7.93
CA SER A 41 13.06 -5.87 6.92
C SER A 41 14.17 -4.82 6.72
N ASN A 42 15.31 -5.07 7.34
CA ASN A 42 16.45 -4.17 7.21
C ASN A 42 17.10 -4.42 5.85
N LEU A 43 16.59 -3.74 4.82
CA LEU A 43 17.09 -3.94 3.46
C LEU A 43 17.74 -2.71 2.86
N THR A 44 17.87 -1.64 3.64
CA THR A 44 18.47 -0.41 3.14
C THR A 44 19.60 0.09 4.04
N GLY A 45 20.08 -0.76 4.93
CA GLY A 45 21.13 -0.34 5.82
C GLY A 45 20.61 0.73 6.75
N TYR A 46 19.30 0.85 6.86
CA TYR A 46 18.73 1.85 7.74
C TYR A 46 19.19 1.63 9.17
N ASN A 47 18.95 0.45 9.71
CA ASN A 47 19.37 0.16 11.08
C ASN A 47 20.87 0.29 11.29
N ASP A 48 21.63 -0.22 10.33
CA ASP A 48 23.08 -0.17 10.42
C ASP A 48 23.59 1.24 10.68
N LYS A 49 23.24 2.18 9.80
CA LYS A 49 23.70 3.54 9.98
C LYS A 49 22.78 4.39 10.84
N LEU A 50 22.16 3.78 11.83
CA LEU A 50 21.29 4.55 12.71
C LEU A 50 22.14 5.36 13.68
N GLU A 51 23.32 4.86 14.02
CA GLU A 51 24.21 5.57 14.94
C GLU A 51 24.85 6.73 14.19
N MET A 52 25.42 6.41 13.03
CA MET A 52 26.06 7.38 12.17
C MET A 52 25.09 8.54 11.86
N LEU A 53 23.86 8.19 11.47
CA LEU A 53 22.82 9.16 11.13
C LEU A 53 22.36 10.05 12.28
N ARG A 54 22.23 9.45 13.46
CA ARG A 54 21.78 10.16 14.66
C ARG A 54 22.90 11.01 15.24
N SER A 55 24.12 10.73 14.82
CA SER A 55 25.27 11.48 15.31
C SER A 55 25.32 12.85 14.66
N GLY A 56 24.37 13.10 13.77
CA GLY A 56 24.34 14.37 13.09
C GLY A 56 25.05 14.35 11.75
N LYS A 57 25.72 13.24 11.42
CA LYS A 57 26.42 13.15 10.14
C LYS A 57 25.43 13.25 8.98
N VAL A 58 25.86 13.89 7.89
CA VAL A 58 24.98 14.07 6.75
C VAL A 58 25.59 13.73 5.39
N PHE A 59 25.06 12.67 4.77
CA PHE A 59 25.53 12.23 3.46
C PHE A 59 24.36 12.18 2.48
N PHE A 60 24.66 12.33 1.20
CA PHE A 60 23.64 12.32 0.17
C PHE A 60 23.20 10.91 -0.15
N ASP A 61 21.89 10.70 -0.06
CA ASP A 61 21.29 9.41 -0.34
C ASP A 61 19.80 9.66 -0.44
N ILE A 62 19.15 8.88 -1.28
CA ILE A 62 17.72 8.99 -1.49
C ILE A 62 17.03 8.74 -0.15
N PRO A 63 16.25 9.72 0.33
CA PRO A 63 15.50 9.69 1.60
C PRO A 63 14.62 8.47 1.79
N THR A 64 14.31 7.77 0.70
CA THR A 64 13.45 6.60 0.76
C THR A 64 14.15 5.34 1.26
N ARG A 65 15.43 5.47 1.58
CA ARG A 65 16.19 4.33 2.11
C ARG A 65 15.87 4.22 3.59
N TYR A 66 15.41 5.32 4.17
CA TYR A 66 15.16 5.37 5.61
C TYR A 66 13.74 5.59 6.08
N THR A 67 12.92 4.55 5.92
CA THR A 67 11.53 4.60 6.36
C THR A 67 11.32 3.42 7.31
N MET A 68 10.33 3.51 8.19
CA MET A 68 10.07 2.41 9.10
C MET A 68 9.80 1.12 8.30
N LEU A 69 9.40 1.29 7.04
CA LEU A 69 9.09 0.17 6.15
C LEU A 69 10.24 -0.82 6.00
N THR A 70 11.46 -0.30 6.02
CA THR A 70 12.66 -1.12 5.89
C THR A 70 13.52 -0.99 7.16
N SER A 71 12.86 -1.03 8.31
CA SER A 71 13.55 -0.93 9.59
C SER A 71 13.06 -2.04 10.52
N ASP A 72 13.95 -2.55 11.36
CA ASP A 72 13.63 -3.60 12.31
C ASP A 72 13.55 -3.05 13.72
N PRO A 73 12.90 -3.80 14.63
CA PRO A 73 12.78 -3.35 16.02
C PRO A 73 14.18 -3.26 16.64
N PRO A 74 14.37 -2.38 17.64
CA PRO A 74 13.31 -1.53 18.19
C PRO A 74 13.15 -0.20 17.45
N LEU A 75 14.05 0.07 16.51
CA LEU A 75 14.01 1.30 15.71
C LEU A 75 12.64 1.43 15.06
N HIS A 76 12.11 0.29 14.65
CA HIS A 76 10.80 0.24 14.02
C HIS A 76 9.77 0.85 14.96
N ASP A 77 9.66 0.27 16.17
CA ASP A 77 8.72 0.73 17.19
C ASP A 77 8.78 2.26 17.33
N GLU A 78 10.01 2.77 17.33
CA GLU A 78 10.29 4.19 17.49
C GLU A 78 9.78 5.04 16.33
N LEU A 79 9.90 4.51 15.13
CA LEU A 79 9.46 5.24 13.96
C LEU A 79 7.96 5.11 13.78
N ARG A 80 7.44 3.89 13.89
CA ARG A 80 6.01 3.67 13.71
C ARG A 80 5.11 4.28 14.77
N ASN A 81 5.58 4.26 16.03
CA ASN A 81 4.78 4.81 17.12
C ASN A 81 4.64 6.31 17.09
N LEU A 82 5.55 7.00 16.41
CA LEU A 82 5.48 8.45 16.35
C LEU A 82 4.16 8.89 15.74
N THR A 83 3.75 8.28 14.64
CA THR A 83 2.50 8.67 14.00
C THR A 83 1.48 7.53 13.90
N ALA A 84 1.69 6.47 14.67
CA ALA A 84 0.80 5.31 14.65
C ALA A 84 -0.62 5.52 15.17
N ASP A 85 -0.78 6.27 16.25
CA ASP A 85 -2.13 6.47 16.78
C ASP A 85 -2.94 7.47 15.99
N ALA A 86 -2.33 8.10 14.99
CA ALA A 86 -3.04 9.07 14.15
C ALA A 86 -3.88 8.35 13.10
N PHE A 87 -3.47 7.13 12.77
CA PHE A 87 -4.18 6.33 11.77
C PHE A 87 -5.17 5.35 12.39
N ASN A 88 -5.47 5.53 13.67
CA ASN A 88 -6.44 4.66 14.33
C ASN A 88 -7.81 5.19 13.96
N PRO A 89 -8.76 4.29 13.69
CA PRO A 89 -10.13 4.62 13.32
C PRO A 89 -10.67 5.91 13.94
N SER A 90 -10.55 6.01 15.26
CA SER A 90 -11.05 7.19 15.99
C SER A 90 -10.49 8.52 15.50
N ASN A 91 -9.24 8.54 15.07
CA ASN A 91 -8.61 9.77 14.62
C ASN A 91 -8.62 9.94 13.10
N LEU A 92 -9.51 9.23 12.42
CA LEU A 92 -9.59 9.35 10.98
C LEU A 92 -10.58 10.41 10.59
N PRO A 93 -10.22 11.26 9.61
CA PRO A 93 -11.09 12.34 9.13
C PRO A 93 -12.26 11.82 8.34
N VAL A 94 -12.95 10.80 8.87
CA VAL A 94 -14.09 10.21 8.19
C VAL A 94 -15.02 11.19 7.49
N ASP A 95 -15.16 12.38 8.06
CA ASP A 95 -16.00 13.43 7.50
C ASP A 95 -15.43 14.00 6.19
N PHE A 96 -14.18 14.44 6.27
CA PHE A 96 -13.43 14.99 5.14
C PHE A 96 -13.55 14.03 3.95
N VAL A 97 -13.24 12.76 4.19
CA VAL A 97 -13.29 11.70 3.19
C VAL A 97 -14.64 11.64 2.48
N ARG A 98 -15.70 11.58 3.28
CA ARG A 98 -17.05 11.49 2.76
C ARG A 98 -17.42 12.73 1.96
N GLU A 99 -17.00 13.90 2.43
CA GLU A 99 -17.34 15.12 1.73
C GLU A 99 -16.55 15.29 0.44
N VAL A 100 -15.26 14.98 0.47
CA VAL A 100 -14.42 15.10 -0.73
C VAL A 100 -14.79 14.02 -1.72
N THR A 101 -15.24 12.89 -1.20
CA THR A 101 -15.61 11.79 -2.07
C THR A 101 -16.94 12.09 -2.74
N VAL A 102 -17.90 12.60 -1.97
CA VAL A 102 -19.21 12.92 -2.53
C VAL A 102 -19.11 14.02 -3.58
N LYS A 103 -18.23 14.99 -3.34
CA LYS A 103 -18.03 16.07 -4.29
C LYS A 103 -17.41 15.46 -5.53
N LEU A 104 -16.46 14.56 -5.33
CA LEU A 104 -15.77 13.88 -6.41
C LEU A 104 -16.69 13.23 -7.43
N LEU A 105 -17.91 12.94 -7.01
CA LEU A 105 -18.87 12.28 -7.91
C LEU A 105 -20.00 13.22 -8.29
N SER A 106 -19.99 14.41 -7.69
CA SER A 106 -21.02 15.42 -7.91
C SER A 106 -21.48 15.66 -9.35
N GLU A 107 -20.60 15.48 -10.32
CA GLU A 107 -21.00 15.72 -11.71
C GLU A 107 -20.53 14.67 -12.71
N LEU A 108 -20.12 13.49 -12.25
CA LEU A 108 -19.63 12.47 -13.16
C LEU A 108 -20.57 12.19 -14.33
N ASP A 109 -19.98 12.19 -15.52
CA ASP A 109 -20.74 12.00 -16.75
C ASP A 109 -21.22 10.57 -17.02
N GLU A 110 -21.59 10.31 -18.27
CA GLU A 110 -22.08 9.00 -18.66
C GLU A 110 -20.97 7.97 -18.85
N GLU A 111 -19.84 8.43 -19.36
CA GLU A 111 -18.69 7.55 -19.57
C GLU A 111 -17.39 8.25 -19.15
N PHE A 112 -16.92 7.95 -17.95
CA PHE A 112 -15.70 8.56 -17.45
C PHE A 112 -14.68 7.52 -17.03
N ASP A 113 -13.47 7.99 -16.73
CA ASP A 113 -12.40 7.12 -16.27
C ASP A 113 -12.36 7.27 -14.74
N VAL A 114 -12.88 6.26 -14.04
CA VAL A 114 -12.92 6.30 -12.59
C VAL A 114 -11.53 6.45 -11.97
N ILE A 115 -10.48 6.05 -12.67
CA ILE A 115 -9.16 6.20 -12.08
C ILE A 115 -8.77 7.65 -11.97
N GLU A 116 -8.47 8.26 -13.10
CA GLU A 116 -8.03 9.64 -13.10
C GLU A 116 -9.10 10.63 -12.63
N SER A 117 -10.31 10.16 -12.42
CA SER A 117 -11.39 11.04 -12.01
C SER A 117 -11.93 10.84 -10.61
N PHE A 118 -11.51 9.76 -9.95
CA PHE A 118 -12.01 9.47 -8.62
C PHE A 118 -10.97 8.74 -7.78
N ALA A 119 -10.50 7.59 -8.28
CA ALA A 119 -9.52 6.75 -7.59
C ALA A 119 -8.22 7.47 -7.21
N ILE A 120 -7.71 8.32 -8.10
CA ILE A 120 -6.47 9.04 -7.83
C ILE A 120 -6.63 10.20 -6.85
N PRO A 121 -7.62 11.08 -7.06
CA PRO A 121 -7.84 12.21 -6.17
C PRO A 121 -8.07 11.90 -4.68
N LEU A 122 -9.12 11.13 -4.38
CA LEU A 122 -9.45 10.80 -2.99
C LEU A 122 -8.27 10.51 -2.07
N PRO A 123 -7.47 9.48 -2.41
CA PRO A 123 -6.31 9.10 -1.59
C PRO A 123 -5.41 10.27 -1.26
N ILE A 124 -4.99 10.99 -2.31
CA ILE A 124 -4.11 12.14 -2.20
C ILE A 124 -4.78 13.32 -1.52
N LEU A 125 -6.09 13.48 -1.75
CA LEU A 125 -6.80 14.57 -1.11
C LEU A 125 -6.77 14.33 0.40
N VAL A 126 -6.99 13.09 0.79
CA VAL A 126 -7.02 12.68 2.20
C VAL A 126 -5.67 12.55 2.90
N ILE A 127 -4.71 11.85 2.31
CA ILE A 127 -3.44 11.71 2.99
C ILE A 127 -2.80 13.06 3.21
N SER A 128 -2.96 13.96 2.25
CA SER A 128 -2.39 15.29 2.37
C SER A 128 -3.13 16.04 3.46
N LYS A 129 -4.42 15.74 3.58
CA LYS A 129 -5.23 16.37 4.59
C LYS A 129 -4.59 16.05 5.94
N MET A 130 -4.44 14.76 6.23
CA MET A 130 -3.84 14.33 7.49
C MET A 130 -2.38 14.80 7.57
N LEU A 131 -1.71 14.78 6.43
CA LEU A 131 -0.33 15.20 6.30
C LEU A 131 -0.21 16.68 6.69
N GLY A 132 -1.33 17.38 6.57
CA GLY A 132 -1.39 18.79 6.89
C GLY A 132 -0.78 19.67 5.82
N ILE A 133 -0.82 19.20 4.58
CA ILE A 133 -0.29 19.95 3.46
C ILE A 133 -1.40 19.97 2.44
N ASN A 134 -1.17 20.61 1.31
CA ASN A 134 -2.21 20.66 0.29
C ASN A 134 -1.66 21.19 -1.01
N PRO A 135 -0.99 20.34 -1.79
CA PRO A 135 -0.42 20.75 -3.09
C PRO A 135 -1.29 20.42 -4.32
N ASP A 136 -0.61 20.19 -5.42
CA ASP A 136 -1.25 19.87 -6.69
C ASP A 136 -1.49 18.37 -6.72
N VAL A 137 -2.71 17.97 -7.04
CA VAL A 137 -3.02 16.56 -7.11
C VAL A 137 -2.14 15.90 -8.18
N LYS A 138 -1.99 16.59 -9.31
CA LYS A 138 -1.16 16.06 -10.39
C LYS A 138 0.28 15.93 -9.94
N LYS A 139 0.72 16.93 -9.17
CA LYS A 139 2.08 16.96 -8.64
C LYS A 139 2.32 15.71 -7.79
N VAL A 140 1.52 15.55 -6.75
CA VAL A 140 1.64 14.41 -5.86
C VAL A 140 1.56 13.11 -6.66
N LYS A 141 0.58 13.00 -7.55
CA LYS A 141 0.42 11.79 -8.34
C LYS A 141 1.70 11.52 -9.09
N ASP A 142 2.29 12.57 -9.64
CA ASP A 142 3.52 12.42 -10.37
C ASP A 142 4.58 11.81 -9.47
N TRP A 143 4.75 12.38 -8.28
CA TRP A 143 5.74 11.88 -7.33
C TRP A 143 5.48 10.43 -6.90
N SER A 144 4.21 10.07 -6.84
CA SER A 144 3.82 8.72 -6.45
C SER A 144 4.26 7.72 -7.51
N ASP A 145 3.84 7.93 -8.75
CA ASP A 145 4.25 7.01 -9.80
C ASP A 145 5.77 6.93 -9.77
N LEU A 146 6.41 8.09 -9.79
CA LEU A 146 7.88 8.16 -9.77
C LEU A 146 8.48 7.19 -8.76
N VAL A 147 7.86 7.07 -7.59
CA VAL A 147 8.36 6.18 -6.54
C VAL A 147 7.84 4.75 -6.69
N ALA A 148 6.52 4.62 -6.90
CA ALA A 148 5.89 3.32 -7.06
C ALA A 148 6.29 2.57 -8.34
N LEU A 149 6.02 3.17 -9.49
CA LEU A 149 6.33 2.57 -10.79
C LEU A 149 7.75 2.04 -10.93
N ARG A 150 8.60 2.33 -9.95
CA ARG A 150 9.98 1.85 -9.98
C ARG A 150 10.19 0.80 -8.89
N LEU A 151 9.08 0.24 -8.44
CA LEU A 151 9.06 -0.78 -7.41
C LEU A 151 9.39 -2.12 -8.05
N GLY A 152 10.16 -2.93 -7.35
CA GLY A 152 10.53 -4.23 -7.88
C GLY A 152 11.70 -4.16 -8.84
N ARG A 153 11.82 -3.05 -9.56
CA ARG A 153 12.91 -2.87 -10.51
C ARG A 153 14.23 -2.68 -9.75
N ALA A 154 14.99 -3.78 -9.72
CA ALA A 154 16.26 -3.93 -9.02
C ALA A 154 17.07 -2.72 -8.52
N ASP A 155 17.26 -1.69 -9.33
CA ASP A 155 18.06 -0.57 -8.85
C ASP A 155 17.41 0.78 -9.09
N GLU A 156 16.59 0.87 -10.13
CA GLU A 156 15.90 2.10 -10.43
C GLU A 156 14.89 2.42 -9.34
N ILE A 157 15.20 1.99 -8.11
CA ILE A 157 14.32 2.24 -6.98
C ILE A 157 15.07 3.07 -5.93
N PHE A 158 16.31 3.40 -6.26
CA PHE A 158 17.15 4.20 -5.39
C PHE A 158 17.80 5.34 -6.16
N SER A 159 17.54 5.35 -7.47
CA SER A 159 18.08 6.34 -8.38
C SER A 159 17.37 7.69 -8.26
N ILE A 160 18.12 8.77 -8.46
CA ILE A 160 17.58 10.11 -8.37
C ILE A 160 17.57 10.83 -9.72
N GLY A 161 16.39 11.32 -10.12
CA GLY A 161 16.27 12.05 -11.37
C GLY A 161 16.01 13.50 -11.01
N ARG A 162 15.62 14.31 -11.99
CA ARG A 162 15.33 15.70 -11.69
C ARG A 162 14.02 15.83 -10.92
N LYS A 163 12.95 15.27 -11.50
CA LYS A 163 11.61 15.30 -10.91
C LYS A 163 11.60 14.72 -9.50
N TYR A 164 12.61 13.91 -9.20
CA TYR A 164 12.74 13.29 -7.89
C TYR A 164 13.28 14.30 -6.88
N LEU A 165 14.21 15.13 -7.33
CA LEU A 165 14.78 16.16 -6.47
C LEU A 165 13.63 17.09 -6.09
N GLU A 166 12.66 17.22 -6.99
CA GLU A 166 11.50 18.05 -6.73
C GLU A 166 10.75 17.44 -5.54
N LEU A 167 10.73 16.11 -5.45
CA LEU A 167 10.06 15.46 -4.34
C LEU A 167 10.87 15.73 -3.07
N ILE A 168 12.19 15.60 -3.15
CA ILE A 168 13.05 15.83 -1.99
C ILE A 168 12.95 17.25 -1.43
N SER A 169 13.13 18.26 -2.29
CA SER A 169 13.02 19.65 -1.87
C SER A 169 11.64 19.94 -1.29
N PHE A 170 10.63 19.33 -1.87
CA PHE A 170 9.28 19.54 -1.39
C PHE A 170 9.20 19.14 0.07
N SER A 171 9.67 17.94 0.39
CA SER A 171 9.63 17.45 1.76
C SER A 171 10.45 18.31 2.70
N LYS A 172 11.64 18.71 2.25
CA LYS A 172 12.52 19.54 3.06
C LYS A 172 11.81 20.85 3.39
N LYS A 173 11.17 21.44 2.39
CA LYS A 173 10.46 22.68 2.56
C LYS A 173 9.30 22.51 3.55
N GLU A 174 8.41 21.58 3.24
CA GLU A 174 7.26 21.32 4.10
C GLU A 174 7.72 21.05 5.53
N LEU A 175 8.71 20.18 5.68
CA LEU A 175 9.24 19.84 6.99
C LEU A 175 9.67 21.09 7.74
N ASP A 176 10.65 21.80 7.19
CA ASP A 176 11.17 23.01 7.80
C ASP A 176 10.01 23.82 8.35
N SER A 177 8.90 23.84 7.63
CA SER A 177 7.72 24.55 8.08
C SER A 177 7.38 24.14 9.50
N ARG A 178 6.68 23.02 9.63
CA ARG A 178 6.21 22.51 10.92
C ARG A 178 7.07 22.66 12.20
N LYS A 179 8.38 22.79 12.06
CA LYS A 179 9.21 22.98 13.25
C LYS A 179 8.92 24.40 13.72
N GLY A 180 8.79 24.56 15.02
CA GLY A 180 8.43 25.84 15.60
C GLY A 180 7.24 25.33 16.35
N LYS A 181 6.88 24.11 15.96
CA LYS A 181 5.79 23.30 16.51
C LYS A 181 4.35 23.82 16.61
N GLU A 182 3.59 23.26 17.54
CA GLU A 182 2.17 23.56 17.70
C GLU A 182 1.65 22.59 16.66
N ILE A 183 2.12 21.36 16.79
CA ILE A 183 1.79 20.27 15.90
C ILE A 183 0.31 20.14 15.56
N VAL A 184 0.00 19.83 14.31
CA VAL A 184 -1.37 19.63 13.87
C VAL A 184 -1.32 18.67 12.69
N ASP A 185 -0.27 18.82 11.88
CA ASP A 185 -0.07 18.00 10.71
C ASP A 185 0.72 16.79 11.13
N LEU A 186 0.53 15.70 10.41
CA LEU A 186 1.30 14.49 10.70
C LEU A 186 2.72 14.94 10.41
N THR A 187 2.88 15.78 9.39
CA THR A 187 4.18 16.30 9.01
C THR A 187 4.75 17.00 10.21
N GLY A 188 3.91 17.76 10.90
CA GLY A 188 4.34 18.48 12.08
C GLY A 188 5.16 17.60 12.99
N LYS A 189 4.56 16.51 13.43
CA LYS A 189 5.23 15.57 14.31
C LYS A 189 6.61 15.23 13.78
N ILE A 190 6.66 14.72 12.55
CA ILE A 190 7.93 14.32 11.92
C ILE A 190 9.12 15.26 12.16
N ALA A 191 9.01 16.50 11.70
CA ALA A 191 10.08 17.48 11.84
C ALA A 191 10.61 17.56 13.26
N ASN A 192 9.70 17.74 14.21
CA ASN A 192 10.07 17.87 15.61
C ASN A 192 10.21 16.51 16.32
N SER A 193 11.23 15.76 15.93
CA SER A 193 11.48 14.46 16.49
C SER A 193 12.98 14.18 16.48
N ASN A 194 13.42 13.25 17.33
CA ASN A 194 14.84 12.93 17.42
C ASN A 194 15.42 12.39 16.11
N LEU A 195 14.56 12.09 15.16
CA LEU A 195 14.98 11.57 13.86
C LEU A 195 16.09 12.42 13.24
N SER A 196 16.97 11.77 12.49
CA SER A 196 18.04 12.44 11.79
C SER A 196 17.38 13.19 10.62
N GLU A 197 18.08 14.17 10.07
CA GLU A 197 17.56 15.00 8.98
C GLU A 197 16.95 14.24 7.78
N LEU A 198 17.64 13.23 7.27
CA LEU A 198 17.11 12.47 6.14
C LEU A 198 16.06 11.45 6.55
N GLU A 199 16.08 11.01 7.81
CA GLU A 199 15.07 10.07 8.27
C GLU A 199 13.73 10.78 8.16
N LYS A 200 13.72 12.06 8.54
CA LYS A 200 12.51 12.86 8.47
C LYS A 200 12.02 12.91 7.03
N GLU A 201 12.94 13.13 6.10
CA GLU A 201 12.60 13.21 4.68
C GLU A 201 12.09 11.88 4.15
N GLY A 202 12.53 10.78 4.78
CA GLY A 202 12.08 9.47 4.35
C GLY A 202 10.70 9.18 4.89
N TYR A 203 10.51 9.51 6.16
CA TYR A 203 9.22 9.30 6.81
C TYR A 203 8.12 10.11 6.11
N PHE A 204 8.48 11.32 5.69
CA PHE A 204 7.54 12.20 5.02
C PHE A 204 7.09 11.63 3.70
N ILE A 205 8.06 11.30 2.86
CA ILE A 205 7.74 10.74 1.55
C ILE A 205 7.00 9.41 1.70
N LEU A 206 7.31 8.67 2.77
CA LEU A 206 6.67 7.37 3.04
C LEU A 206 5.15 7.43 3.24
N LEU A 207 4.65 8.41 4.01
CA LEU A 207 3.22 8.54 4.26
C LEU A 207 2.47 9.19 3.09
N MET A 208 3.11 10.16 2.46
CA MET A 208 2.46 10.82 1.35
C MET A 208 2.19 9.84 0.22
N ILE A 209 3.21 9.06 -0.15
CA ILE A 209 3.09 8.10 -1.26
C ILE A 209 2.55 6.71 -0.99
N ALA A 210 3.09 6.03 0.02
CA ALA A 210 2.61 4.69 0.36
C ALA A 210 1.11 4.76 0.62
N GLY A 211 0.60 5.97 0.76
CA GLY A 211 -0.82 6.14 0.98
C GLY A 211 -1.58 5.93 -0.31
N ASN A 212 -1.69 6.98 -1.12
CA ASN A 212 -2.45 6.94 -2.37
C ASN A 212 -2.31 5.81 -3.42
N GLU A 213 -1.20 5.69 -4.13
CA GLU A 213 -1.06 4.66 -5.18
C GLU A 213 -1.72 3.29 -4.94
N THR A 214 -1.39 2.66 -3.81
CA THR A 214 -1.96 1.36 -3.45
C THR A 214 -3.43 1.49 -3.10
N THR A 215 -3.79 2.62 -2.51
CA THR A 215 -5.16 2.88 -2.14
C THR A 215 -6.04 3.10 -3.36
N THR A 216 -5.48 3.73 -4.38
CA THR A 216 -6.22 4.00 -5.62
C THR A 216 -6.45 2.69 -6.32
N ASN A 217 -5.41 1.86 -6.38
CA ASN A 217 -5.52 0.57 -7.04
C ASN A 217 -6.62 -0.28 -6.43
N LEU A 218 -6.74 -0.22 -5.10
CA LEU A 218 -7.76 -0.99 -4.39
C LEU A 218 -9.17 -0.59 -4.84
N ILE A 219 -9.40 0.70 -5.02
CA ILE A 219 -10.72 1.17 -5.46
C ILE A 219 -10.98 0.87 -6.94
N GLY A 220 -9.94 0.97 -7.75
CA GLY A 220 -10.09 0.68 -9.17
C GLY A 220 -10.39 -0.81 -9.30
N ASN A 221 -9.65 -1.63 -8.55
CA ASN A 221 -9.84 -3.08 -8.59
C ASN A 221 -11.25 -3.39 -8.14
N ALA A 222 -11.62 -2.89 -6.97
CA ALA A 222 -12.95 -3.12 -6.42
C ALA A 222 -14.05 -2.83 -7.44
N ILE A 223 -13.97 -1.67 -8.08
CA ILE A 223 -14.99 -1.30 -9.05
C ILE A 223 -15.10 -2.30 -10.18
N GLU A 224 -13.99 -2.85 -10.63
CA GLU A 224 -14.02 -3.84 -11.71
C GLU A 224 -14.60 -5.11 -11.14
N ASP A 225 -13.94 -5.62 -10.11
CA ASP A 225 -14.40 -6.84 -9.49
C ASP A 225 -15.90 -6.77 -9.21
N PHE A 226 -16.35 -5.71 -8.54
CA PHE A 226 -17.76 -5.54 -8.21
C PHE A 226 -18.65 -5.57 -9.44
N THR A 227 -18.10 -5.17 -10.57
CA THR A 227 -18.85 -5.17 -11.83
C THR A 227 -18.83 -6.56 -12.47
N LEU A 228 -17.63 -7.08 -12.68
CA LEU A 228 -17.45 -8.39 -13.29
C LEU A 228 -18.27 -9.48 -12.63
N TYR A 229 -18.28 -9.49 -11.31
CA TYR A 229 -19.04 -10.51 -10.57
C TYR A 229 -20.35 -10.03 -9.96
N ASN A 230 -20.84 -8.89 -10.46
CA ASN A 230 -22.09 -8.28 -10.00
C ASN A 230 -22.28 -8.27 -8.49
N SER A 231 -21.66 -7.30 -7.82
CA SER A 231 -21.74 -7.22 -6.37
C SER A 231 -22.30 -5.88 -5.92
N TRP A 232 -22.57 -5.01 -6.89
CA TRP A 232 -23.10 -3.68 -6.59
C TRP A 232 -24.37 -3.67 -5.75
N ASP A 233 -25.36 -4.49 -6.12
CA ASP A 233 -26.59 -4.54 -5.34
C ASP A 233 -26.24 -4.84 -3.90
N TYR A 234 -25.67 -6.03 -3.68
CA TYR A 234 -25.30 -6.43 -2.33
C TYR A 234 -24.67 -5.28 -1.56
N VAL A 235 -23.83 -4.50 -2.23
CA VAL A 235 -23.15 -3.36 -1.59
C VAL A 235 -24.16 -2.34 -1.10
N ARG A 236 -25.07 -1.95 -1.98
CA ARG A 236 -26.08 -0.97 -1.64
C ARG A 236 -26.91 -1.32 -0.41
N GLU A 237 -27.14 -2.60 -0.17
CA GLU A 237 -27.98 -2.94 0.97
C GLU A 237 -27.31 -3.47 2.22
N LYS A 238 -26.17 -4.13 2.04
CA LYS A 238 -25.45 -4.72 3.16
C LYS A 238 -24.21 -3.94 3.55
N GLY A 239 -23.81 -3.02 2.67
CA GLY A 239 -22.62 -2.22 2.92
C GLY A 239 -21.39 -2.71 2.14
N ALA A 240 -20.23 -2.14 2.41
CA ALA A 240 -19.03 -2.55 1.70
C ALA A 240 -17.97 -3.18 2.60
N LEU A 241 -18.25 -3.28 3.89
CA LEU A 241 -17.31 -3.86 4.83
C LEU A 241 -16.66 -5.14 4.31
N LYS A 242 -17.46 -6.19 4.18
CA LYS A 242 -16.97 -7.50 3.73
C LYS A 242 -16.50 -7.51 2.28
N ALA A 243 -17.19 -6.76 1.43
CA ALA A 243 -16.83 -6.70 0.02
C ALA A 243 -15.43 -6.08 -0.13
N VAL A 244 -15.27 -4.89 0.41
CA VAL A 244 -13.98 -4.19 0.36
C VAL A 244 -12.87 -5.17 0.71
N GLU A 245 -13.17 -6.12 1.59
CA GLU A 245 -12.23 -7.11 2.03
C GLU A 245 -12.00 -8.19 0.98
N GLU A 246 -13.04 -8.48 0.21
CA GLU A 246 -12.92 -9.49 -0.84
C GLU A 246 -12.07 -8.91 -1.95
N ALA A 247 -12.29 -7.65 -2.28
CA ALA A 247 -11.50 -7.00 -3.30
C ALA A 247 -10.03 -7.20 -2.95
N LEU A 248 -9.66 -6.77 -1.74
CA LEU A 248 -8.29 -6.90 -1.27
C LEU A 248 -7.72 -8.29 -1.55
N ARG A 249 -8.37 -9.32 -1.03
CA ARG A 249 -7.90 -10.71 -1.21
C ARG A 249 -7.79 -11.16 -2.70
N PHE A 250 -8.84 -10.91 -3.47
CA PHE A 250 -8.90 -11.31 -4.88
C PHE A 250 -8.02 -10.50 -5.84
N SER A 251 -8.01 -9.17 -5.66
CA SER A 251 -7.23 -8.28 -6.52
C SER A 251 -6.44 -7.35 -5.60
N PRO A 252 -5.33 -7.83 -5.04
CA PRO A 252 -4.51 -7.00 -4.15
C PRO A 252 -3.61 -5.96 -4.82
N PRO A 253 -3.57 -4.75 -4.25
CA PRO A 253 -2.72 -3.69 -4.81
C PRO A 253 -1.24 -4.05 -4.72
N VAL A 254 -0.87 -4.64 -3.59
CA VAL A 254 0.50 -5.06 -3.33
C VAL A 254 0.55 -6.58 -3.54
N MET A 255 1.14 -6.99 -4.66
CA MET A 255 1.21 -8.38 -5.02
C MET A 255 2.15 -9.21 -4.16
N ARG A 256 3.15 -8.57 -3.56
CA ARG A 256 4.11 -9.29 -2.71
C ARG A 256 5.08 -8.44 -1.93
N THR A 257 5.78 -9.07 -0.99
CA THR A 257 6.76 -8.39 -0.17
C THR A 257 8.10 -9.10 -0.22
N ILE A 258 9.08 -8.50 0.44
CA ILE A 258 10.42 -9.04 0.45
C ILE A 258 11.06 -8.82 1.82
N ARG A 259 11.93 -9.73 2.22
CA ARG A 259 12.65 -9.67 3.49
C ARG A 259 13.97 -10.40 3.43
N VAL A 260 14.83 -10.17 4.41
CA VAL A 260 16.13 -10.80 4.43
C VAL A 260 16.32 -11.57 5.71
N THR A 261 17.08 -12.67 5.62
CA THR A 261 17.33 -13.49 6.78
C THR A 261 18.50 -13.02 7.62
N LYS A 262 18.41 -13.29 8.92
CA LYS A 262 19.46 -12.93 9.87
C LYS A 262 20.11 -14.21 10.38
N GLU A 263 19.54 -15.34 10.00
CA GLU A 263 20.07 -16.62 10.43
C GLU A 263 19.58 -17.73 9.53
N LYS A 264 20.23 -18.89 9.61
CA LYS A 264 19.81 -20.02 8.81
C LYS A 264 18.38 -20.36 9.20
N VAL A 265 17.55 -20.61 8.18
CA VAL A 265 16.15 -20.93 8.40
C VAL A 265 15.74 -22.11 7.54
N LYS A 266 14.69 -22.81 7.96
CA LYS A 266 14.21 -23.94 7.20
C LYS A 266 12.70 -23.90 7.08
N ILE A 267 12.23 -23.50 5.91
CA ILE A 267 10.80 -23.44 5.64
C ILE A 267 10.52 -24.70 4.84
N ARG A 268 9.77 -25.62 5.42
CA ARG A 268 9.47 -26.89 4.77
C ARG A 268 10.82 -27.58 4.48
N ASP A 269 10.84 -28.47 3.49
CA ASP A 269 12.06 -29.22 3.13
C ASP A 269 13.22 -28.37 2.60
N GLN A 270 13.01 -27.06 2.48
CA GLN A 270 14.03 -26.17 1.95
C GLN A 270 14.73 -25.30 2.98
N VAL A 271 16.04 -25.40 3.06
CA VAL A 271 16.79 -24.59 4.02
C VAL A 271 17.29 -23.32 3.33
N ILE A 272 17.35 -22.23 4.11
CA ILE A 272 17.78 -20.94 3.61
C ILE A 272 18.82 -20.38 4.56
N ASP A 273 20.04 -20.13 4.05
CA ASP A 273 21.13 -19.61 4.87
C ASP A 273 20.86 -18.13 5.13
N GLU A 274 21.56 -17.52 6.08
CA GLU A 274 21.32 -16.12 6.37
C GLU A 274 21.77 -15.16 5.27
N GLY A 275 21.19 -13.98 5.25
CA GLY A 275 21.53 -12.98 4.25
C GLY A 275 20.88 -13.23 2.90
N GLU A 276 19.67 -13.76 2.91
CA GLU A 276 18.98 -14.04 1.64
C GLU A 276 17.60 -13.42 1.56
N LEU A 277 17.24 -13.03 0.35
CA LEU A 277 15.95 -12.41 0.07
C LEU A 277 14.81 -13.43 0.04
N VAL A 278 13.67 -13.05 0.60
CA VAL A 278 12.52 -13.94 0.64
C VAL A 278 11.32 -13.19 0.14
N ARG A 279 10.95 -13.45 -1.09
CA ARG A 279 9.82 -12.78 -1.68
C ARG A 279 8.57 -13.43 -1.10
N VAL A 280 7.82 -12.65 -0.31
CA VAL A 280 6.58 -13.15 0.30
C VAL A 280 5.40 -12.80 -0.62
N TRP A 281 4.84 -13.79 -1.31
CA TRP A 281 3.72 -13.51 -2.22
C TRP A 281 2.35 -13.45 -1.56
N ILE A 282 1.86 -12.24 -1.34
CA ILE A 282 0.55 -12.02 -0.71
C ILE A 282 -0.60 -12.51 -1.60
N ALA A 283 -0.46 -12.26 -2.90
CA ALA A 283 -1.46 -12.65 -3.90
C ALA A 283 -1.62 -14.15 -3.98
N SER A 284 -0.51 -14.86 -3.96
CA SER A 284 -0.55 -16.31 -4.01
C SER A 284 -1.24 -16.76 -2.73
N ALA A 285 -0.75 -16.28 -1.60
CA ALA A 285 -1.32 -16.62 -0.29
C ALA A 285 -2.84 -16.45 -0.30
N ASN A 286 -3.29 -15.28 -0.72
CA ASN A 286 -4.72 -14.96 -0.78
C ASN A 286 -5.59 -15.94 -1.56
N ARG A 287 -4.95 -16.82 -2.33
CA ARG A 287 -5.66 -17.78 -3.16
C ARG A 287 -5.38 -19.23 -2.73
N ASP A 288 -4.70 -19.40 -1.60
CA ASP A 288 -4.32 -20.72 -1.08
C ASP A 288 -5.54 -21.58 -0.72
N GLU A 289 -5.70 -22.69 -1.45
CA GLU A 289 -6.81 -23.61 -1.25
C GLU A 289 -6.95 -24.02 0.19
N GLU A 290 -5.82 -24.22 0.86
CA GLU A 290 -5.77 -24.64 2.26
C GLU A 290 -6.44 -23.68 3.23
N VAL A 291 -6.59 -22.43 2.83
CA VAL A 291 -7.17 -21.44 3.72
C VAL A 291 -8.47 -20.79 3.25
N PHE A 292 -8.69 -20.72 1.94
CA PHE A 292 -9.93 -20.11 1.46
C PHE A 292 -10.71 -21.10 0.63
N LYS A 293 -11.94 -21.39 1.07
CA LYS A 293 -12.81 -22.35 0.39
C LYS A 293 -13.28 -21.69 -0.87
N ASP A 294 -13.06 -22.32 -2.02
CA ASP A 294 -13.48 -21.72 -3.28
C ASP A 294 -12.73 -20.38 -3.42
N PRO A 295 -11.40 -20.40 -3.20
CA PRO A 295 -10.49 -19.26 -3.26
C PRO A 295 -10.40 -18.46 -4.54
N ASP A 296 -10.65 -19.12 -5.67
CA ASP A 296 -10.59 -18.48 -6.97
C ASP A 296 -11.94 -17.95 -7.43
N SER A 297 -12.84 -17.81 -6.46
CA SER A 297 -14.19 -17.29 -6.69
C SER A 297 -14.28 -15.96 -5.97
N PHE A 298 -15.05 -15.02 -6.53
CA PHE A 298 -15.19 -13.72 -5.90
C PHE A 298 -16.49 -13.70 -5.11
N ILE A 299 -16.38 -13.56 -3.79
CA ILE A 299 -17.54 -13.54 -2.91
C ILE A 299 -17.55 -12.29 -2.06
N PRO A 300 -18.42 -11.33 -2.39
CA PRO A 300 -18.53 -10.06 -1.66
C PRO A 300 -18.73 -10.21 -0.16
N ASP A 301 -19.47 -11.24 0.24
CA ASP A 301 -19.73 -11.46 1.66
C ASP A 301 -18.80 -12.51 2.26
N ARG A 302 -17.79 -12.91 1.49
CA ARG A 302 -16.83 -13.92 1.95
C ARG A 302 -16.26 -13.63 3.35
N THR A 303 -16.47 -14.59 4.25
CA THR A 303 -16.01 -14.47 5.62
C THR A 303 -15.92 -15.87 6.22
N PRO A 304 -14.84 -16.18 6.96
CA PRO A 304 -13.70 -15.32 7.29
C PRO A 304 -12.96 -14.93 6.03
N ASN A 305 -12.07 -13.95 6.16
CA ASN A 305 -11.28 -13.49 5.03
C ASN A 305 -9.92 -13.00 5.53
N PRO A 306 -9.15 -13.87 6.20
CA PRO A 306 -7.84 -13.50 6.73
C PRO A 306 -6.81 -13.34 5.62
N HIS A 307 -7.06 -12.42 4.70
CA HIS A 307 -6.13 -12.18 3.60
C HIS A 307 -4.86 -11.53 4.14
N LEU A 308 -3.83 -11.46 3.29
CA LEU A 308 -2.56 -10.85 3.70
C LEU A 308 -2.31 -9.60 2.90
N SER A 309 -3.35 -9.11 2.25
CA SER A 309 -3.25 -7.91 1.44
C SER A 309 -2.51 -6.77 2.15
N PHE A 310 -2.85 -6.50 3.40
CA PHE A 310 -2.20 -5.42 4.16
C PHE A 310 -0.95 -5.91 4.87
N GLY A 311 -0.59 -7.16 4.64
CA GLY A 311 0.56 -7.72 5.31
C GLY A 311 0.13 -8.48 6.54
N SER A 312 0.94 -8.42 7.60
CA SER A 312 0.63 -9.16 8.81
C SER A 312 1.81 -9.01 9.74
N GLY A 313 1.52 -8.95 11.03
CA GLY A 313 2.60 -8.82 11.98
C GLY A 313 2.77 -7.37 12.40
N ILE A 314 4.02 -6.99 12.69
CA ILE A 314 4.29 -5.63 13.16
C ILE A 314 4.34 -4.55 12.09
N HIS A 315 4.50 -4.95 10.83
CA HIS A 315 4.58 -3.99 9.72
C HIS A 315 3.24 -3.86 9.02
N LEU A 316 2.23 -4.53 9.57
CA LEU A 316 0.88 -4.53 9.02
C LEU A 316 0.53 -3.11 8.62
N CYS A 317 0.30 -2.92 7.33
CA CYS A 317 -0.01 -1.60 6.77
C CYS A 317 -0.55 -0.68 7.85
N LEU A 318 0.23 0.36 8.12
CA LEU A 318 -0.12 1.33 9.15
C LEU A 318 -1.36 2.09 8.75
N GLY A 319 -1.56 2.22 7.44
CA GLY A 319 -2.70 2.94 6.92
C GLY A 319 -3.87 2.03 6.61
N ALA A 320 -3.78 0.80 7.08
CA ALA A 320 -4.83 -0.16 6.86
C ALA A 320 -6.20 0.38 7.26
N PRO A 321 -6.34 0.85 8.53
CA PRO A 321 -7.63 1.38 8.98
C PRO A 321 -8.14 2.54 8.13
N LEU A 322 -7.23 3.36 7.65
CA LEU A 322 -7.62 4.50 6.83
C LEU A 322 -8.06 4.06 5.44
N ALA A 323 -7.32 3.12 4.84
CA ALA A 323 -7.66 2.63 3.51
C ALA A 323 -9.03 1.96 3.45
N ARG A 324 -9.30 1.04 4.38
CA ARG A 324 -10.59 0.37 4.40
C ARG A 324 -11.69 1.43 4.45
N LEU A 325 -11.47 2.45 5.28
CA LEU A 325 -12.42 3.56 5.45
C LEU A 325 -12.66 4.23 4.11
N GLU A 326 -11.59 4.73 3.50
CA GLU A 326 -11.65 5.41 2.19
C GLU A 326 -12.26 4.48 1.14
N ALA A 327 -11.92 3.20 1.26
CA ALA A 327 -12.42 2.19 0.33
C ALA A 327 -13.93 2.01 0.47
N ARG A 328 -14.38 1.90 1.72
CA ARG A 328 -15.80 1.72 2.03
C ARG A 328 -16.67 2.90 1.59
N ILE A 329 -16.28 4.12 1.96
CA ILE A 329 -17.06 5.27 1.57
C ILE A 329 -17.07 5.55 0.08
N ALA A 330 -15.95 5.32 -0.58
CA ALA A 330 -15.92 5.60 -2.00
C ALA A 330 -16.87 4.67 -2.78
N LEU A 331 -16.83 3.39 -2.44
CA LEU A 331 -17.64 2.37 -3.11
C LEU A 331 -19.13 2.40 -2.78
N GLU A 332 -19.48 2.81 -1.57
CA GLU A 332 -20.89 2.88 -1.19
C GLU A 332 -21.55 4.11 -1.83
N GLU A 333 -20.87 5.25 -1.79
CA GLU A 333 -21.38 6.48 -2.38
C GLU A 333 -21.48 6.31 -3.88
N PHE A 334 -20.50 5.59 -4.44
CA PHE A 334 -20.45 5.30 -5.87
C PHE A 334 -21.59 4.34 -6.17
N ALA A 335 -21.70 3.30 -5.36
CA ALA A 335 -22.75 2.31 -5.54
C ALA A 335 -24.13 2.93 -5.36
N LYS A 336 -24.19 3.91 -4.46
CA LYS A 336 -25.44 4.61 -4.18
C LYS A 336 -25.86 5.50 -5.33
N LYS A 337 -24.92 6.31 -5.79
CA LYS A 337 -25.20 7.26 -6.86
C LYS A 337 -25.32 6.64 -8.26
N PHE A 338 -24.43 5.70 -8.58
CA PHE A 338 -24.42 5.10 -9.90
C PHE A 338 -24.90 3.67 -10.08
N ARG A 339 -24.91 3.24 -11.33
CA ARG A 339 -25.31 1.91 -11.71
C ARG A 339 -24.49 1.60 -12.95
N VAL A 340 -23.35 0.94 -12.75
CA VAL A 340 -22.45 0.59 -13.84
C VAL A 340 -23.13 -0.27 -14.89
N LYS A 341 -23.02 0.17 -16.14
CA LYS A 341 -23.64 -0.54 -17.25
C LYS A 341 -22.65 -1.35 -18.08
N GLU A 342 -21.35 -1.20 -17.81
CA GLU A 342 -20.35 -1.92 -18.59
C GLU A 342 -18.94 -1.34 -18.44
N ILE A 343 -17.95 -2.23 -18.53
CA ILE A 343 -16.54 -1.85 -18.47
C ILE A 343 -15.98 -1.76 -19.89
N VAL A 344 -16.01 -0.55 -20.46
CA VAL A 344 -15.55 -0.25 -21.82
C VAL A 344 -14.08 -0.56 -22.19
N LYS A 345 -13.14 -0.07 -21.38
CA LYS A 345 -11.72 -0.32 -21.60
C LYS A 345 -10.91 -0.13 -20.33
N LYS A 346 -9.69 -0.69 -20.34
CA LYS A 346 -8.79 -0.59 -19.18
C LYS A 346 -7.30 -0.82 -19.48
N GLU A 347 -6.46 0.00 -18.86
CA GLU A 347 -5.02 -0.07 -19.01
C GLU A 347 -4.45 -0.41 -17.62
N LYS A 348 -3.59 -1.43 -17.57
CA LYS A 348 -2.99 -1.87 -16.32
C LYS A 348 -1.72 -1.11 -15.98
N ILE A 349 -1.49 -0.91 -14.68
CA ILE A 349 -0.27 -0.23 -14.19
C ILE A 349 0.93 -1.09 -14.59
N ASP A 350 1.85 -0.52 -15.34
CA ASP A 350 3.02 -1.26 -15.78
C ASP A 350 4.00 -1.48 -14.63
N ASN A 351 3.66 -2.43 -13.75
CA ASN A 351 4.49 -2.73 -12.60
C ASN A 351 4.13 -4.12 -12.10
N GLU A 352 5.13 -4.94 -11.81
CA GLU A 352 4.86 -6.30 -11.37
C GLU A 352 4.51 -6.52 -9.90
N VAL A 353 4.69 -5.51 -9.04
CA VAL A 353 4.34 -5.72 -7.65
C VAL A 353 3.17 -4.82 -7.23
N LEU A 354 2.70 -4.01 -8.16
CA LEU A 354 1.57 -3.13 -7.92
C LEU A 354 0.46 -3.55 -8.86
N ASN A 355 -0.53 -4.24 -8.32
CA ASN A 355 -1.66 -4.70 -9.12
C ASN A 355 -2.67 -3.58 -9.14
N GLY A 356 -2.79 -2.95 -10.30
CA GLY A 356 -3.74 -1.86 -10.42
C GLY A 356 -3.95 -1.42 -11.86
N TYR A 357 -4.89 -0.49 -12.01
CA TYR A 357 -5.23 0.07 -13.30
C TYR A 357 -4.82 1.53 -13.31
N ARG A 358 -4.27 1.98 -14.43
CA ARG A 358 -3.88 3.38 -14.56
C ARG A 358 -5.04 4.09 -15.23
N LYS A 359 -5.92 3.31 -15.86
CA LYS A 359 -7.08 3.86 -16.52
C LYS A 359 -8.19 2.80 -16.61
N LEU A 360 -9.36 3.12 -16.05
CA LEU A 360 -10.50 2.20 -16.04
C LEU A 360 -11.79 2.92 -16.44
N VAL A 361 -12.16 2.83 -17.71
CA VAL A 361 -13.38 3.48 -18.19
C VAL A 361 -14.65 2.66 -17.98
N VAL A 362 -15.72 3.34 -17.57
CA VAL A 362 -17.00 2.68 -17.34
C VAL A 362 -18.16 3.51 -17.86
N ARG A 363 -19.20 2.83 -18.30
CA ARG A 363 -20.40 3.50 -18.78
C ARG A 363 -21.35 3.44 -17.61
N VAL A 364 -22.08 4.51 -17.38
CA VAL A 364 -23.00 4.50 -16.27
C VAL A 364 -24.22 5.38 -16.51
N GLU A 365 -25.14 5.31 -15.56
CA GLU A 365 -26.37 6.09 -15.58
C GLU A 365 -26.67 6.34 -14.11
N ARG A 366 -27.05 7.57 -13.77
CA ARG A 366 -27.36 7.89 -12.38
C ARG A 366 -28.56 7.07 -11.92
N THR A 367 -28.59 6.72 -10.64
CA THR A 367 -29.65 5.90 -10.07
C THR A 367 -31.05 6.12 -10.62
CL CL B . 15.58 12.65 -14.89
CHA HEM C . 2.98 -1.37 4.70
CHB HEM C . -0.60 -2.72 1.72
CHC HEM C . -2.68 1.58 1.95
CHD HEM C . 0.87 3.05 4.91
C1A HEM C . 2.29 -2.21 3.90
C2A HEM C . 2.43 -3.54 3.49
C3A HEM C . 1.41 -3.72 2.72
C4A HEM C . 0.56 -2.82 2.48
CMA HEM C . 1.22 -5.07 2.09
CAA HEM C . 3.47 -4.60 3.81
CBA HEM C . 4.62 -3.99 4.56
CGA HEM C . 5.65 -5.08 4.94
O1A HEM C . 5.25 -5.95 5.75
O2A HEM C . 6.51 -5.39 4.09
C1B HEM C . -1.52 -1.75 1.47
C2B HEM C . -2.58 -1.65 0.78
C3B HEM C . -3.26 -0.63 0.72
C4B HEM C . -2.53 0.25 1.53
CMB HEM C . -3.04 -2.86 0.01
CAB HEM C . -4.43 -0.41 0.02
CBB HEM C . -5.05 0.81 0.07
C1C HEM C . -1.94 2.46 2.78
C2C HEM C . -2.04 3.65 3.16
C3C HEM C . -1.19 4.20 3.95
C4C HEM C . -0.28 3.17 4.16
CMC HEM C . -3.21 4.46 2.67
CAC HEM C . -1.12 5.50 4.49
CBC HEM C . -2.06 6.47 4.23
C1D HEM C . 1.80 2.06 5.18
C2D HEM C . 2.94 2.02 5.95
C3D HEM C . 3.38 0.80 5.79
C4D HEM C . 2.79 -0.04 5.06
CMD HEM C . 3.54 3.12 6.77
CAD HEM C . 4.64 0.38 6.50
CBD HEM C . 4.23 -0.15 7.88
CGD HEM C . 5.41 -0.31 8.82
O1D HEM C . 6.43 -0.80 8.32
O2D HEM C . 5.16 -0.47 10.04
NA HEM C . 1.01 -1.65 3.22
NB HEM C . -1.33 -0.50 2.07
NC HEM C . -0.74 1.94 3.39
ND HEM C . 1.61 0.67 4.51
FE HEM C . 0.11 0.15 3.28
#